data_2ID8
#
_entry.id   2ID8
#
_cell.length_a   67.55
_cell.length_b   67.55
_cell.length_c   106.88
_cell.angle_alpha   90.00
_cell.angle_beta   90.00
_cell.angle_gamma   90.00
#
_symmetry.space_group_name_H-M   'P 43 21 2'
#
loop_
_entity.id
_entity.type
_entity.pdbx_description
1 polymer 'Proteinase K'
2 non-polymer 'CALCIUM ION'
3 non-polymer 'NITRATE ION'
4 non-polymer 'CHLORIDE ION'
5 non-polymer (S)-(2,3-DIHYDROXYPROPOXY)TRIHYDROXYBORATE
6 water water
#
_entity_poly.entity_id   1
_entity_poly.type   'polypeptide(L)'
_entity_poly.pdbx_seq_one_letter_code
;AAQTNAPWGLARISSTSPGTSTYYYDESAGQGSCVYVIDTGIEASHPEFEGRAQMVKTYYYSSRDGNGHGTHCAGTVGSR
TYGVAKKTQLFGVKVLDDNGSGQYSTIIAGMDFVASDKNNRNCPKGVVASLSLGGGYSSSVNSAAARLQSSGVMVAVAAG
NNNADARNYSPASEPSVCTVGASDRYDRRSSFSNYGSVLDIFGPGTDILSTWIGGSTRSISGTSMATPHVAGLAAYLMTL
GKTTAASACRYIADTANKGDLSNIPFGTVNLLAYNNYQA
;
_entity_poly.pdbx_strand_id   A
#
# COMPACT_ATOMS: atom_id res chain seq x y z
N ALA A 1 -4.81 17.58 -11.89
CA ALA A 1 -4.63 18.26 -10.64
C ALA A 1 -3.16 18.22 -10.31
N ALA A 2 -2.74 19.13 -9.48
CA ALA A 2 -1.35 19.20 -9.04
C ALA A 2 -1.36 19.63 -7.59
N GLN A 3 -0.53 18.93 -6.83
CA GLN A 3 -0.26 19.24 -5.44
C GLN A 3 1.21 19.70 -5.35
N THR A 4 1.37 20.98 -5.10
CA THR A 4 2.70 21.52 -4.93
C THR A 4 3.28 21.17 -3.56
N ASN A 5 4.61 21.11 -3.53
CA ASN A 5 5.35 20.76 -2.33
C ASN A 5 4.83 19.50 -1.67
N ALA A 6 4.60 18.45 -2.52
CA ALA A 6 4.09 17.19 -2.04
C ALA A 6 5.17 16.37 -1.35
N PRO A 7 4.83 15.38 -0.54
CA PRO A 7 5.84 14.44 -0.05
C PRO A 7 6.57 13.86 -1.26
N TRP A 8 7.85 13.62 -1.11
CA TRP A 8 8.64 13.22 -2.26
C TRP A 8 8.07 12.00 -2.98
N GLY A 9 7.50 11.05 -2.22
CA GLY A 9 7.05 9.83 -2.83
C GLY A 9 5.89 10.03 -3.76
N LEU A 10 4.97 10.95 -3.40
CA LEU A 10 3.87 11.30 -4.25
C LEU A 10 4.41 11.94 -5.54
N ALA A 11 5.34 12.90 -5.40
CA ALA A 11 5.94 13.50 -6.59
C ALA A 11 6.59 12.43 -7.45
N ARG A 12 7.27 11.46 -6.83
CA ARG A 12 7.99 10.44 -7.54
C ARG A 12 7.05 9.60 -8.38
N ILE A 13 5.90 9.24 -7.84
CA ILE A 13 5.07 8.33 -8.64
C ILE A 13 4.40 9.06 -9.81
N SER A 14 4.53 10.36 -9.90
CA SER A 14 4.00 11.06 -11.05
C SER A 14 5.09 11.71 -11.89
N SER A 15 6.30 11.20 -11.83
CA SER A 15 7.44 11.72 -12.63
C SER A 15 8.25 10.57 -13.23
N THR A 16 8.87 10.76 -14.40
CA THR A 16 9.84 9.81 -14.91
C THR A 16 11.21 10.08 -14.27
N SER A 17 11.38 11.13 -13.48
CA SER A 17 12.68 11.42 -12.89
C SER A 17 12.59 11.71 -11.40
N PRO A 18 13.63 11.43 -10.66
CA PRO A 18 13.64 11.74 -9.21
C PRO A 18 13.87 13.23 -9.02
N GLY A 19 13.60 13.74 -7.85
CA GLY A 19 13.91 15.08 -7.49
C GLY A 19 12.86 16.14 -7.71
N THR A 20 11.68 15.82 -8.15
CA THR A 20 10.63 16.78 -8.34
C THR A 20 9.81 16.89 -7.05
N SER A 21 8.95 17.90 -7.05
CA SER A 21 8.24 18.28 -5.85
C SER A 21 6.71 18.35 -6.03
N THR A 22 6.17 18.31 -7.24
CA THR A 22 4.74 18.42 -7.45
C THR A 22 4.16 17.04 -7.75
N TYR A 23 3.06 16.69 -7.08
CA TYR A 23 2.32 15.46 -7.42
C TYR A 23 1.21 15.80 -8.41
N TYR A 24 1.22 15.33 -9.64
CA TYR A 24 0.33 15.46 -10.71
C TYR A 24 -0.58 14.21 -10.72
N TYR A 25 -1.88 14.43 -10.73
CA TYR A 25 -2.80 13.29 -10.70
C TYR A 25 -4.15 13.71 -11.27
N ASP A 26 -4.89 12.73 -11.84
CA ASP A 26 -6.23 13.04 -12.30
C ASP A 26 -7.14 13.31 -11.11
N GLU A 27 -7.98 14.35 -11.22
CA GLU A 27 -8.79 14.76 -10.11
C GLU A 27 -9.81 13.74 -9.63
N SER A 28 -10.12 12.72 -10.45
CA SER A 28 -10.97 11.66 -9.93
C SER A 28 -10.39 11.01 -8.65
N ALA A 29 -9.10 10.93 -8.54
CA ALA A 29 -8.44 10.71 -7.27
C ALA A 29 -8.91 9.45 -6.53
N GLY A 30 -9.27 8.38 -7.25
CA GLY A 30 -9.71 7.18 -6.60
C GLY A 30 -11.14 7.20 -6.10
N GLN A 31 -11.91 8.21 -6.43
CA GLN A 31 -13.31 8.24 -6.00
C GLN A 31 -14.04 7.00 -6.48
N GLY A 32 -14.84 6.38 -5.64
CA GLY A 32 -15.60 5.21 -6.06
C GLY A 32 -14.91 3.89 -5.77
N SER A 33 -13.62 3.90 -5.44
CA SER A 33 -12.86 2.74 -5.03
C SER A 33 -12.84 2.64 -3.49
N CYS A 34 -12.44 1.46 -3.02
CA CYS A 34 -12.29 1.26 -1.60
C CYS A 34 -10.98 0.54 -1.31
N VAL A 35 -10.31 0.94 -0.26
CA VAL A 35 -9.04 0.30 0.12
C VAL A 35 -9.16 -0.10 1.60
N TYR A 36 -9.01 -1.38 1.83
CA TYR A 36 -8.90 -1.95 3.15
C TYR A 36 -7.43 -1.92 3.60
N VAL A 37 -7.18 -1.28 4.74
CA VAL A 37 -5.85 -1.16 5.35
C VAL A 37 -5.82 -2.14 6.51
N ILE A 38 -5.12 -3.24 6.32
CA ILE A 38 -5.11 -4.35 7.27
C ILE A 38 -3.86 -4.18 8.09
N ASP A 39 -3.99 -3.72 9.34
CA ASP A 39 -2.87 -3.12 10.06
C ASP A 39 -3.21 -2.92 11.53
N THR A 40 -2.65 -1.88 12.16
CA THR A 40 -2.93 -1.60 13.55
C THR A 40 -4.22 -0.80 13.80
N GLY A 41 -4.98 -0.55 12.74
CA GLY A 41 -6.13 0.32 12.77
C GLY A 41 -5.91 1.61 12.03
N ILE A 42 -6.95 2.47 12.04
CA ILE A 42 -6.88 3.78 11.44
C ILE A 42 -7.54 4.78 12.40
N GLU A 43 -6.87 5.87 12.73
CA GLU A 43 -7.48 6.98 13.45
C GLU A 43 -8.40 7.75 12.49
N ALA A 44 -9.63 7.26 12.33
CA ALA A 44 -10.55 7.80 11.36
C ALA A 44 -10.87 9.24 11.59
N SER A 45 -10.80 9.72 12.84
CA SER A 45 -11.11 11.09 13.19
C SER A 45 -10.04 12.06 12.67
N HIS A 46 -8.88 11.59 12.16
CA HIS A 46 -7.85 12.51 11.72
C HIS A 46 -8.43 13.43 10.65
N PRO A 47 -8.26 14.74 10.78
CA PRO A 47 -8.82 15.65 9.77
C PRO A 47 -8.40 15.33 8.35
N GLU A 48 -7.25 14.84 8.02
CA GLU A 48 -6.65 14.42 6.83
C GLU A 48 -7.46 13.33 6.12
N PHE A 49 -8.29 12.59 6.86
CA PHE A 49 -9.16 11.62 6.19
C PHE A 49 -10.50 12.16 5.74
N GLU A 50 -10.90 13.32 6.24
CA GLU A 50 -12.06 14.04 5.70
C GLU A 50 -13.34 13.22 5.79
N GLY A 51 -13.48 12.34 6.75
CA GLY A 51 -14.69 11.50 6.85
C GLY A 51 -14.68 10.29 6.00
N ARG A 52 -13.64 10.08 5.17
CA ARG A 52 -13.55 8.95 4.24
C ARG A 52 -12.93 7.68 4.82
N ALA A 53 -12.56 7.69 6.09
CA ALA A 53 -12.03 6.49 6.75
C ALA A 53 -13.00 5.97 7.78
N GLN A 54 -13.09 4.65 7.89
CA GLN A 54 -13.83 4.11 9.01
C GLN A 54 -13.21 2.75 9.38
N MET A 55 -13.28 2.42 10.66
CA MET A 55 -12.95 1.10 11.14
C MET A 55 -14.11 0.15 10.88
N VAL A 56 -13.83 -1.02 10.37
CA VAL A 56 -14.86 -2.02 10.12
C VAL A 56 -14.64 -3.32 10.87
N LYS A 57 -13.45 -3.56 11.40
CA LYS A 57 -13.22 -4.79 12.16
C LYS A 57 -11.99 -4.64 13.05
N THR A 58 -12.06 -5.17 14.26
CA THR A 58 -10.88 -5.29 15.11
C THR A 58 -10.81 -6.68 15.71
N TYR A 59 -9.59 -7.18 15.89
CA TYR A 59 -9.33 -8.46 16.57
C TYR A 59 -8.75 -8.25 17.96
N TYR A 60 -8.82 -7.03 18.44
CA TYR A 60 -8.35 -6.66 19.78
C TYR A 60 -9.46 -6.00 20.56
N TYR A 61 -9.14 -5.56 21.77
CA TYR A 61 -10.11 -5.05 22.70
C TYR A 61 -10.81 -3.81 22.20
N SER A 62 -10.10 -2.97 21.46
CA SER A 62 -10.58 -1.74 20.84
C SER A 62 -10.28 -1.71 19.35
N SER A 63 -11.02 -0.90 18.66
CA SER A 63 -10.71 -0.59 17.28
C SER A 63 -9.75 0.55 17.07
N ARG A 64 -9.31 1.27 18.03
CA ARG A 64 -8.41 2.37 18.14
C ARG A 64 -7.01 1.90 17.69
N ASP A 65 -6.44 2.69 16.81
CA ASP A 65 -5.03 2.59 16.46
C ASP A 65 -4.19 3.18 17.62
N GLY A 66 -3.69 2.36 18.54
CA GLY A 66 -2.85 2.79 19.59
C GLY A 66 -1.38 2.82 19.24
N ASN A 67 -1.04 2.59 17.99
CA ASN A 67 0.34 2.55 17.52
C ASN A 67 0.70 3.71 16.59
N GLY A 68 -0.06 3.89 15.52
CA GLY A 68 0.26 4.89 14.52
C GLY A 68 0.55 4.29 13.16
N HIS A 69 1.05 3.08 13.13
CA HIS A 69 1.49 2.47 11.86
C HIS A 69 0.39 2.39 10.83
N GLY A 70 -0.77 1.94 11.18
CA GLY A 70 -1.91 1.73 10.36
C GLY A 70 -2.45 3.06 9.89
N THR A 71 -2.44 4.06 10.76
CA THR A 71 -2.87 5.40 10.37
C THR A 71 -1.90 5.97 9.34
N HIS A 72 -0.59 5.72 9.52
CA HIS A 72 0.41 6.20 8.57
C HIS A 72 0.19 5.58 7.19
N CYS A 73 0.05 4.25 7.15
CA CYS A 73 -0.17 3.58 5.90
C CYS A 73 -1.47 4.02 5.22
N ALA A 74 -2.56 4.16 6.01
CA ALA A 74 -3.82 4.66 5.47
C ALA A 74 -3.69 6.05 4.89
N GLY A 75 -2.86 6.87 5.55
CA GLY A 75 -2.64 8.19 5.02
C GLY A 75 -1.91 8.21 3.70
N THR A 76 -0.98 7.28 3.49
CA THR A 76 -0.29 7.24 2.17
C THR A 76 -1.24 6.72 1.11
N VAL A 77 -2.17 5.84 1.47
CA VAL A 77 -3.17 5.41 0.48
C VAL A 77 -4.07 6.59 0.10
N GLY A 78 -4.64 7.28 1.09
CA GLY A 78 -5.79 8.13 0.83
C GLY A 78 -6.00 9.33 1.68
N SER A 79 -5.06 9.83 2.44
CA SER A 79 -5.28 11.12 3.09
C SER A 79 -5.22 12.23 2.06
N ARG A 80 -5.75 13.38 2.43
CA ARG A 80 -5.78 14.55 1.58
C ARG A 80 -4.38 14.97 1.17
N THR A 81 -3.52 15.24 2.14
CA THR A 81 -2.20 15.80 1.85
C THR A 81 -1.19 14.71 1.51
N TYR A 82 -1.28 13.54 2.18
CA TYR A 82 -0.22 12.54 2.07
C TYR A 82 -0.56 11.34 1.22
N GLY A 83 -1.75 11.28 0.61
CA GLY A 83 -2.23 10.16 -0.08
C GLY A 83 -2.18 10.18 -1.59
N VAL A 84 -2.01 8.98 -2.13
CA VAL A 84 -1.99 8.79 -3.57
C VAL A 84 -3.38 8.97 -4.16
N ALA A 85 -4.38 8.38 -3.50
CA ALA A 85 -5.77 8.35 -4.01
C ALA A 85 -6.63 9.15 -3.05
N LYS A 86 -6.68 10.47 -3.25
CA LYS A 86 -7.16 11.38 -2.22
C LYS A 86 -8.66 11.35 -2.03
N LYS A 87 -9.41 10.66 -2.86
CA LYS A 87 -10.84 10.57 -2.69
C LYS A 87 -11.32 9.14 -2.48
N THR A 88 -10.44 8.18 -2.23
CA THR A 88 -10.88 6.83 -1.98
C THR A 88 -11.57 6.70 -0.61
N GLN A 89 -12.28 5.59 -0.43
CA GLN A 89 -12.82 5.19 0.86
C GLN A 89 -11.83 4.25 1.53
N LEU A 90 -11.51 4.51 2.79
CA LEU A 90 -10.61 3.70 3.56
C LEU A 90 -11.37 2.90 4.64
N PHE A 91 -11.08 1.64 4.71
CA PHE A 91 -11.63 0.73 5.73
C PHE A 91 -10.50 0.12 6.55
N GLY A 92 -10.60 0.26 7.85
CA GLY A 92 -9.59 -0.26 8.74
C GLY A 92 -9.97 -1.60 9.32
N VAL A 93 -8.99 -2.53 9.24
CA VAL A 93 -9.10 -3.87 9.81
C VAL A 93 -7.90 -4.06 10.74
N LYS A 94 -8.13 -4.07 12.03
CA LYS A 94 -7.07 -4.12 13.02
C LYS A 94 -6.70 -5.56 13.33
N VAL A 95 -5.67 -6.03 12.65
CA VAL A 95 -5.08 -7.39 12.90
C VAL A 95 -3.80 -7.28 13.69
N LEU A 96 -3.21 -6.07 13.87
CA LEU A 96 -1.99 -5.85 14.60
C LEU A 96 -2.32 -5.11 15.89
N ASP A 97 -1.62 -5.51 16.95
CA ASP A 97 -1.78 -4.90 18.24
C ASP A 97 -1.11 -3.54 18.27
N ASP A 98 -1.21 -2.87 19.42
CA ASP A 98 -0.73 -1.51 19.52
C ASP A 98 0.81 -1.42 19.63
N ASN A 99 1.51 -2.55 19.67
CA ASN A 99 2.94 -2.58 19.44
C ASN A 99 3.35 -2.90 18.01
N GLY A 100 2.36 -3.07 17.14
CA GLY A 100 2.59 -3.36 15.72
C GLY A 100 2.82 -4.79 15.39
N SER A 101 2.51 -5.71 16.31
CA SER A 101 2.69 -7.13 16.10
C SER A 101 1.38 -7.87 15.96
N GLY A 102 1.35 -9.02 15.31
CA GLY A 102 0.12 -9.82 15.28
C GLY A 102 0.47 -11.26 14.99
N GLN A 103 -0.36 -12.16 15.46
CA GLN A 103 -0.24 -13.55 15.22
C GLN A 103 -0.78 -13.84 13.81
N TYR A 104 -0.14 -14.80 13.16
CA TYR A 104 -0.63 -15.20 11.84
C TYR A 104 -2.06 -15.63 11.79
N SER A 105 -2.58 -16.34 12.78
CA SER A 105 -3.97 -16.75 12.69
C SER A 105 -4.90 -15.54 12.59
N THR A 106 -4.54 -14.47 13.27
CA THR A 106 -5.32 -13.23 13.32
C THR A 106 -5.22 -12.54 11.98
N ILE A 107 -4.02 -12.48 11.42
CA ILE A 107 -3.80 -11.82 10.12
C ILE A 107 -4.57 -12.56 9.03
N ILE A 108 -4.55 -13.89 9.09
CA ILE A 108 -5.34 -14.70 8.18
C ILE A 108 -6.82 -14.36 8.28
N ALA A 109 -7.31 -14.35 9.54
CA ALA A 109 -8.72 -14.09 9.73
C ALA A 109 -9.09 -12.73 9.16
N GLY A 110 -8.25 -11.70 9.30
CA GLY A 110 -8.53 -10.40 8.76
C GLY A 110 -8.56 -10.40 7.25
N MET A 111 -7.72 -11.15 6.56
CA MET A 111 -7.82 -11.30 5.13
C MET A 111 -9.15 -11.93 4.72
N ASP A 112 -9.52 -13.02 5.37
CA ASP A 112 -10.78 -13.66 5.05
C ASP A 112 -11.94 -12.71 5.30
N PHE A 113 -11.86 -11.92 6.37
CA PHE A 113 -12.89 -10.93 6.65
C PHE A 113 -13.08 -9.99 5.45
N VAL A 114 -12.01 -9.44 4.93
CA VAL A 114 -12.13 -8.50 3.81
C VAL A 114 -12.76 -9.16 2.64
N ALA A 115 -12.41 -10.39 2.32
CA ALA A 115 -12.94 -11.08 1.16
C ALA A 115 -14.46 -11.15 1.23
N SER A 116 -14.98 -11.33 2.44
CA SER A 116 -16.44 -11.34 2.66
C SER A 116 -17.08 -9.95 2.79
N ASP A 117 -16.46 -9.11 3.60
CA ASP A 117 -17.04 -7.82 3.93
C ASP A 117 -17.22 -6.98 2.69
N LYS A 118 -16.34 -7.10 1.71
CA LYS A 118 -16.45 -6.25 0.55
C LYS A 118 -17.76 -6.49 -0.20
N ASN A 119 -18.37 -7.66 0.00
CA ASN A 119 -19.66 -7.94 -0.60
C ASN A 119 -20.73 -7.13 0.09
N ASN A 120 -20.50 -6.38 1.14
CA ASN A 120 -21.50 -5.55 1.77
C ASN A 120 -21.19 -4.05 1.70
N ARG A 121 -20.28 -3.67 0.86
CA ARG A 121 -19.84 -2.29 0.65
C ARG A 121 -20.08 -1.94 -0.81
N ASN A 122 -20.41 -0.66 -1.02
CA ASN A 122 -20.56 -0.03 -2.28
C ASN A 122 -19.21 0.55 -2.71
N CYS A 123 -18.55 -0.18 -3.60
CA CYS A 123 -17.21 0.14 -4.11
C CYS A 123 -17.26 -0.02 -5.63
N PRO A 124 -17.96 0.84 -6.34
CA PRO A 124 -18.22 0.61 -7.77
C PRO A 124 -16.98 0.58 -8.62
N LYS A 125 -15.89 1.21 -8.23
CA LYS A 125 -14.65 1.16 -9.01
C LYS A 125 -13.70 0.04 -8.56
N GLY A 126 -14.05 -0.74 -7.57
CA GLY A 126 -13.32 -1.90 -7.11
C GLY A 126 -12.70 -1.71 -5.74
N VAL A 127 -12.03 -2.81 -5.33
CA VAL A 127 -11.53 -2.99 -3.99
C VAL A 127 -10.07 -3.36 -4.01
N VAL A 128 -9.32 -2.77 -3.10
CA VAL A 128 -7.92 -2.95 -2.88
C VAL A 128 -7.69 -3.30 -1.40
N ALA A 129 -6.68 -4.09 -1.10
CA ALA A 129 -6.26 -4.33 0.25
C ALA A 129 -4.76 -4.08 0.36
N SER A 130 -4.34 -3.33 1.37
CA SER A 130 -2.96 -2.97 1.62
C SER A 130 -2.51 -3.67 2.89
N LEU A 131 -1.48 -4.49 2.75
CA LEU A 131 -0.97 -5.34 3.84
C LEU A 131 0.51 -5.02 4.12
N SER A 132 0.71 -4.01 4.98
CA SER A 132 2.03 -3.59 5.40
C SER A 132 2.41 -4.39 6.66
N LEU A 133 2.65 -5.68 6.43
CA LEU A 133 2.82 -6.62 7.52
C LEU A 133 3.50 -7.88 7.00
N GLY A 134 3.83 -8.73 7.95
CA GLY A 134 4.31 -10.08 7.62
C GLY A 134 5.53 -10.47 8.44
N GLY A 135 5.90 -11.72 8.37
CA GLY A 135 7.01 -12.35 9.00
C GLY A 135 7.61 -13.41 8.12
N GLY A 136 8.11 -14.48 8.70
CA GLY A 136 8.75 -15.55 7.93
C GLY A 136 7.72 -16.35 7.16
N TYR A 137 8.24 -17.22 6.31
CA TYR A 137 7.41 -17.98 5.39
C TYR A 137 6.37 -18.78 6.15
N SER A 138 5.15 -18.74 5.59
CA SER A 138 4.01 -19.51 6.03
C SER A 138 3.10 -19.79 4.84
N SER A 139 2.90 -21.07 4.49
CA SER A 139 2.00 -21.43 3.40
C SER A 139 0.58 -20.98 3.73
N SER A 140 0.17 -21.04 5.01
CA SER A 140 -1.18 -20.65 5.39
C SER A 140 -1.41 -19.15 5.19
N VAL A 141 -0.40 -18.35 5.53
CA VAL A 141 -0.53 -16.90 5.28
C VAL A 141 -0.58 -16.62 3.79
N ASN A 142 0.31 -17.28 3.05
CA ASN A 142 0.31 -17.05 1.61
C ASN A 142 -1.02 -17.44 0.99
N SER A 143 -1.58 -18.58 1.44
CA SER A 143 -2.88 -19.02 0.93
C SER A 143 -3.97 -18.01 1.21
N ALA A 144 -3.96 -17.43 2.41
CA ALA A 144 -4.95 -16.40 2.75
C ALA A 144 -4.85 -15.20 1.82
N ALA A 145 -3.64 -14.79 1.53
CA ALA A 145 -3.45 -13.64 0.60
C ALA A 145 -3.93 -14.03 -0.79
N ALA A 146 -3.63 -15.24 -1.24
CA ALA A 146 -4.09 -15.72 -2.54
C ALA A 146 -5.60 -15.76 -2.62
N ARG A 147 -6.26 -16.17 -1.55
CA ARG A 147 -7.71 -16.24 -1.45
C ARG A 147 -8.29 -14.82 -1.59
N LEU A 148 -7.69 -13.86 -0.88
CA LEU A 148 -8.21 -12.51 -0.91
C LEU A 148 -8.11 -11.96 -2.32
N GLN A 149 -6.96 -12.17 -2.97
CA GLN A 149 -6.81 -11.76 -4.38
C GLN A 149 -7.85 -12.45 -5.24
N SER A 150 -8.01 -13.76 -5.14
CA SER A 150 -8.94 -14.52 -6.00
C SER A 150 -10.35 -14.04 -5.82
N SER A 151 -10.70 -13.57 -4.61
CA SER A 151 -12.04 -13.10 -4.32
C SER A 151 -12.38 -11.80 -5.06
N GLY A 152 -11.42 -11.15 -5.68
CA GLY A 152 -11.66 -9.95 -6.47
C GLY A 152 -11.12 -8.69 -5.85
N VAL A 153 -10.12 -8.79 -4.98
CA VAL A 153 -9.47 -7.69 -4.28
C VAL A 153 -8.05 -7.57 -4.80
N MET A 154 -7.62 -6.32 -5.13
CA MET A 154 -6.23 -6.09 -5.49
C MET A 154 -5.41 -6.09 -4.22
N VAL A 155 -4.63 -7.15 -3.99
CA VAL A 155 -3.80 -7.29 -2.77
C VAL A 155 -2.38 -6.76 -3.03
N ALA A 156 -1.97 -5.79 -2.24
CA ALA A 156 -0.63 -5.28 -2.22
C ALA A 156 -0.01 -5.61 -0.86
N VAL A 157 1.17 -6.21 -0.86
CA VAL A 157 1.83 -6.64 0.35
C VAL A 157 3.26 -6.13 0.38
N ALA A 158 3.78 -5.91 1.59
CA ALA A 158 5.14 -5.50 1.77
C ALA A 158 6.13 -6.60 1.51
N ALA A 159 7.25 -6.27 0.84
CA ALA A 159 8.28 -7.29 0.62
C ALA A 159 9.03 -7.72 1.89
N GLY A 160 9.08 -6.84 2.88
CA GLY A 160 9.84 -7.06 4.08
C GLY A 160 11.12 -6.24 4.10
N ASN A 161 11.68 -6.10 5.30
CA ASN A 161 12.70 -5.14 5.61
C ASN A 161 14.00 -5.76 6.10
N ASN A 162 14.37 -6.89 5.59
CA ASN A 162 15.49 -7.67 6.05
C ASN A 162 16.68 -7.63 5.07
N ASN A 163 16.63 -6.83 4.03
CA ASN A 163 17.70 -6.81 3.01
C ASN A 163 18.02 -8.25 2.56
N ALA A 164 16.95 -8.99 2.32
CA ALA A 164 17.04 -10.41 2.00
C ALA A 164 16.06 -10.80 0.92
N ASP A 165 16.15 -12.04 0.43
CA ASP A 165 15.21 -12.50 -0.57
C ASP A 165 13.84 -12.68 0.06
N ALA A 166 12.82 -12.02 -0.51
CA ALA A 166 11.43 -12.10 -0.06
C ALA A 166 10.82 -13.50 -0.19
N ARG A 167 11.47 -14.42 -0.83
CA ARG A 167 10.96 -15.79 -0.94
C ARG A 167 10.78 -16.39 0.45
N ASN A 168 11.50 -15.89 1.47
CA ASN A 168 11.43 -16.44 2.82
C ASN A 168 10.55 -15.68 3.79
N TYR A 169 9.65 -14.88 3.23
CA TYR A 169 8.74 -14.04 4.01
C TYR A 169 7.34 -14.17 3.48
N SER A 170 6.36 -13.96 4.35
CA SER A 170 4.95 -14.07 4.02
C SER A 170 4.17 -12.91 4.58
N PRO A 171 3.16 -12.39 3.89
CA PRO A 171 2.69 -12.85 2.58
C PRO A 171 3.49 -12.41 1.37
N ALA A 172 4.65 -11.79 1.56
CA ALA A 172 5.48 -11.33 0.47
C ALA A 172 5.71 -12.36 -0.64
N SER A 173 5.96 -13.62 -0.19
CA SER A 173 6.33 -14.68 -1.12
C SER A 173 5.15 -15.32 -1.86
N GLU A 174 3.91 -14.89 -1.61
CA GLU A 174 2.79 -15.41 -2.37
C GLU A 174 2.84 -14.88 -3.81
N PRO A 175 2.97 -15.69 -4.84
CA PRO A 175 3.13 -15.17 -6.18
C PRO A 175 1.95 -14.34 -6.68
N SER A 176 0.74 -14.70 -6.33
CA SER A 176 -0.46 -14.11 -6.98
C SER A 176 -0.87 -12.73 -6.47
N VAL A 177 -0.20 -12.20 -5.46
CA VAL A 177 -0.45 -10.83 -4.99
C VAL A 177 0.62 -9.89 -5.52
N CYS A 178 0.55 -8.64 -5.13
CA CYS A 178 1.50 -7.60 -5.61
C CYS A 178 2.50 -7.32 -4.51
N THR A 179 3.71 -7.82 -4.66
CA THR A 179 4.73 -7.72 -3.63
C THR A 179 5.62 -6.50 -3.90
N VAL A 180 5.68 -5.63 -2.91
CA VAL A 180 6.19 -4.28 -3.07
C VAL A 180 7.50 -4.06 -2.28
N GLY A 181 8.56 -3.72 -3.02
CA GLY A 181 9.78 -3.28 -2.43
C GLY A 181 9.85 -1.79 -2.23
N ALA A 182 10.89 -1.30 -1.54
CA ALA A 182 11.00 0.09 -1.22
C ALA A 182 12.21 0.75 -1.89
N SER A 183 12.01 2.02 -2.29
CA SER A 183 13.09 2.87 -2.82
C SER A 183 13.19 4.15 -2.01
N ASP A 184 14.28 4.86 -2.20
CA ASP A 184 14.51 6.17 -1.61
C ASP A 184 14.47 7.26 -2.66
N ARG A 185 14.63 8.51 -2.15
CA ARG A 185 14.35 9.68 -2.97
C ARG A 185 15.45 9.89 -4.02
N TYR A 186 16.54 9.17 -3.94
CA TYR A 186 17.59 9.21 -4.95
C TYR A 186 17.49 7.99 -5.86
N ASP A 187 16.39 7.28 -5.85
CA ASP A 187 16.17 6.10 -6.72
C ASP A 187 17.16 4.98 -6.40
N ARG A 188 17.55 4.85 -5.15
CA ARG A 188 18.20 3.65 -4.70
C ARG A 188 17.19 2.69 -4.10
N ARG A 189 17.40 1.39 -4.26
CA ARG A 189 16.72 0.44 -3.41
C ARG A 189 16.93 0.86 -1.96
N SER A 190 15.88 0.92 -1.16
CA SER A 190 16.08 1.24 0.23
C SER A 190 17.00 0.24 0.90
N SER A 191 17.83 0.69 1.83
CA SER A 191 18.87 -0.14 2.42
C SER A 191 18.35 -1.43 3.01
N PHE A 192 17.19 -1.37 3.60
CA PHE A 192 16.50 -2.49 4.21
C PHE A 192 15.61 -3.32 3.32
N SER A 193 15.32 -2.85 2.10
CA SER A 193 14.27 -3.50 1.31
C SER A 193 14.69 -4.92 0.95
N ASN A 194 13.75 -5.85 1.15
CA ASN A 194 13.90 -7.16 0.52
C ASN A 194 13.82 -7.02 -1.00
N TYR A 195 14.26 -8.09 -1.65
CA TYR A 195 14.40 -8.20 -3.09
C TYR A 195 14.04 -9.62 -3.51
N GLY A 196 14.29 -9.94 -4.78
CA GLY A 196 14.07 -11.28 -5.26
C GLY A 196 13.09 -11.36 -6.38
N SER A 197 13.03 -12.53 -6.96
CA SER A 197 12.17 -12.82 -8.09
C SER A 197 10.70 -12.57 -7.83
N VAL A 198 10.26 -12.71 -6.58
CA VAL A 198 8.82 -12.56 -6.29
C VAL A 198 8.40 -11.10 -6.23
N LEU A 199 9.30 -10.15 -6.11
CA LEU A 199 8.88 -8.75 -6.14
C LEU A 199 8.21 -8.44 -7.46
N ASP A 200 7.11 -7.66 -7.43
CA ASP A 200 6.46 -7.17 -8.64
C ASP A 200 6.82 -5.74 -8.97
N ILE A 201 7.15 -4.91 -7.99
CA ILE A 201 7.23 -3.47 -8.14
C ILE A 201 7.92 -2.91 -6.92
N PHE A 202 8.50 -1.73 -7.08
CA PHE A 202 8.98 -0.86 -6.05
C PHE A 202 8.11 0.38 -5.92
N GLY A 203 8.02 0.87 -4.68
CA GLY A 203 7.43 2.16 -4.44
C GLY A 203 8.26 2.93 -3.43
N PRO A 204 8.02 4.24 -3.27
CA PRO A 204 8.77 5.01 -2.27
C PRO A 204 8.57 4.50 -0.88
N GLY A 205 9.69 4.25 -0.18
CA GLY A 205 9.59 3.73 1.17
C GLY A 205 10.53 4.29 2.18
N THR A 206 11.52 5.10 1.83
CA THR A 206 12.41 5.71 2.79
C THR A 206 11.98 7.15 3.05
N ASP A 207 11.76 7.49 4.31
CA ASP A 207 11.44 8.83 4.77
C ASP A 207 10.15 9.34 4.13
N ILE A 208 9.07 8.63 4.47
CA ILE A 208 7.73 8.92 3.97
C ILE A 208 6.89 9.61 5.02
N LEU A 209 6.51 10.83 4.73
CA LEU A 209 5.65 11.64 5.58
C LEU A 209 4.21 11.26 5.38
N SER A 210 3.48 11.00 6.45
CA SER A 210 2.06 10.70 6.43
C SER A 210 1.45 11.02 7.78
N THR A 211 0.17 10.69 7.89
CA THR A 211 -0.58 10.85 9.12
C THR A 211 -0.07 9.93 10.21
N TRP A 212 -0.37 10.35 11.46
CA TRP A 212 -0.07 9.60 12.67
C TRP A 212 -1.19 9.87 13.66
N ILE A 213 -1.23 9.06 14.69
CA ILE A 213 -2.23 9.16 15.74
C ILE A 213 -2.04 10.43 16.52
N GLY A 214 -3.10 10.80 17.24
CA GLY A 214 -3.13 12.08 17.90
C GLY A 214 -3.32 13.22 16.94
N GLY A 215 -3.86 12.99 15.76
CA GLY A 215 -4.01 14.08 14.81
C GLY A 215 -2.72 14.64 14.27
N SER A 216 -1.68 13.85 14.26
CA SER A 216 -0.31 14.32 13.96
C SER A 216 0.16 13.79 12.62
N THR A 217 1.43 14.03 12.31
CA THR A 217 2.12 13.51 11.14
C THR A 217 3.55 13.15 11.51
N ARG A 218 4.15 12.25 10.77
CA ARG A 218 5.55 11.98 10.97
C ARG A 218 6.06 11.21 9.73
N SER A 219 7.37 11.18 9.60
CA SER A 219 8.07 10.44 8.55
C SER A 219 8.66 9.17 9.13
N ILE A 220 8.42 8.04 8.50
CA ILE A 220 9.00 6.77 8.84
C ILE A 220 9.34 6.06 7.52
N SER A 221 10.03 4.93 7.63
CA SER A 221 10.58 4.19 6.51
C SER A 221 10.25 2.70 6.62
N GLY A 222 10.04 2.08 5.48
CA GLY A 222 9.84 0.66 5.40
C GLY A 222 9.21 0.22 4.12
N THR A 223 9.25 -1.09 3.83
CA THR A 223 8.39 -1.58 2.76
C THR A 223 6.92 -1.40 3.16
N SER A 224 6.63 -1.24 4.44
CA SER A 224 5.27 -0.84 4.85
C SER A 224 4.82 0.49 4.30
N MET A 225 5.73 1.37 3.98
CA MET A 225 5.40 2.69 3.44
C MET A 225 5.29 2.64 1.91
N ALA A 226 6.04 1.74 1.29
CA ALA A 226 5.99 1.54 -0.17
C ALA A 226 4.66 0.91 -0.59
N THR A 227 4.22 -0.06 0.19
CA THR A 227 3.00 -0.85 -0.09
C THR A 227 1.78 0.05 -0.33
N PRO A 228 1.46 0.97 0.59
CA PRO A 228 0.28 1.81 0.38
C PRO A 228 0.43 2.78 -0.79
N HIS A 229 1.62 3.11 -1.24
CA HIS A 229 1.73 3.87 -2.48
C HIS A 229 1.14 3.07 -3.64
N VAL A 230 1.51 1.76 -3.68
CA VAL A 230 1.03 0.87 -4.74
C VAL A 230 -0.44 0.63 -4.57
N ALA A 231 -0.91 0.39 -3.34
CA ALA A 231 -2.33 0.18 -3.14
C ALA A 231 -3.14 1.38 -3.60
N GLY A 232 -2.68 2.57 -3.21
CA GLY A 232 -3.36 3.78 -3.63
C GLY A 232 -3.30 4.01 -5.12
N LEU A 233 -2.16 3.67 -5.72
CA LEU A 233 -2.04 3.80 -7.18
C LEU A 233 -3.03 2.87 -7.86
N ALA A 234 -3.17 1.63 -7.38
CA ALA A 234 -4.11 0.70 -7.92
C ALA A 234 -5.51 1.28 -7.84
N ALA A 235 -5.91 1.78 -6.68
CA ALA A 235 -7.26 2.36 -6.51
C ALA A 235 -7.52 3.47 -7.53
N TYR A 236 -6.52 4.35 -7.65
CA TYR A 236 -6.57 5.49 -8.62
C TYR A 236 -6.78 5.00 -10.03
N LEU A 237 -6.02 3.98 -10.44
CA LEU A 237 -6.05 3.48 -11.80
C LEU A 237 -7.35 2.72 -12.05
N MET A 238 -7.88 2.01 -11.06
CA MET A 238 -9.19 1.34 -11.13
C MET A 238 -10.28 2.36 -11.28
N THR A 239 -10.25 3.47 -10.58
CA THR A 239 -11.26 4.53 -10.73
C THR A 239 -11.21 5.08 -12.13
N LEU A 240 -10.03 5.23 -12.72
CA LEU A 240 -9.90 5.72 -14.08
C LEU A 240 -10.34 4.68 -15.10
N GLY A 241 -10.59 3.44 -14.72
CA GLY A 241 -11.02 2.42 -15.67
C GLY A 241 -9.87 1.79 -16.42
N LYS A 242 -8.63 2.08 -16.03
CA LYS A 242 -7.48 1.60 -16.78
C LYS A 242 -7.18 0.14 -16.49
N THR A 243 -7.64 -0.37 -15.37
CA THR A 243 -7.26 -1.73 -14.97
C THR A 243 -8.32 -2.19 -13.97
N THR A 244 -8.18 -3.41 -13.50
CA THR A 244 -9.08 -4.11 -12.60
C THR A 244 -8.32 -4.69 -11.45
N ALA A 245 -9.05 -5.15 -10.42
CA ALA A 245 -8.38 -5.77 -9.29
C ALA A 245 -7.47 -6.94 -9.72
N ALA A 246 -7.91 -7.72 -10.67
CA ALA A 246 -7.15 -8.87 -11.07
C ALA A 246 -5.89 -8.53 -11.85
N SER A 247 -5.91 -7.44 -12.53
CA SER A 247 -4.88 -7.07 -13.50
C SER A 247 -4.03 -5.88 -13.09
N ALA A 248 -4.33 -5.24 -11.96
CA ALA A 248 -3.71 -3.97 -11.61
C ALA A 248 -2.23 -4.12 -11.34
N CYS A 249 -1.81 -5.19 -10.66
CA CYS A 249 -0.38 -5.33 -10.40
C CYS A 249 0.40 -5.41 -11.72
N ARG A 250 -0.09 -6.24 -12.63
CA ARG A 250 0.53 -6.39 -13.94
C ARG A 250 0.52 -5.07 -14.70
N TYR A 251 -0.59 -4.33 -14.64
CA TYR A 251 -0.69 -3.03 -15.29
C TYR A 251 0.34 -2.05 -14.71
N ILE A 252 0.45 -2.00 -13.40
CA ILE A 252 1.43 -1.15 -12.76
C ILE A 252 2.83 -1.55 -13.18
N ALA A 253 3.15 -2.85 -13.25
CA ALA A 253 4.45 -3.25 -13.78
C ALA A 253 4.62 -2.83 -15.24
N ASP A 254 3.60 -3.02 -16.09
CA ASP A 254 3.67 -2.67 -17.50
C ASP A 254 4.03 -1.20 -17.67
N THR A 255 3.52 -0.34 -16.81
CA THR A 255 3.51 1.12 -16.98
C THR A 255 4.53 1.80 -16.09
N ALA A 256 5.32 1.00 -15.35
CA ALA A 256 6.27 1.49 -14.39
C ALA A 256 7.44 2.21 -15.06
N ASN A 257 8.13 3.06 -14.30
CA ASN A 257 9.46 3.50 -14.71
C ASN A 257 10.42 2.33 -14.64
N LYS A 258 11.10 2.02 -15.72
CA LYS A 258 11.94 0.85 -15.83
C LYS A 258 13.42 1.17 -15.85
N GLY A 259 14.20 0.45 -15.04
CA GLY A 259 15.67 0.55 -15.00
C GLY A 259 16.20 1.83 -14.41
N ASP A 260 15.38 2.51 -13.61
CA ASP A 260 15.85 3.73 -12.95
C ASP A 260 16.47 3.54 -11.58
N LEU A 261 16.24 2.38 -10.95
CA LEU A 261 16.71 2.19 -9.58
C LEU A 261 18.13 1.62 -9.56
N SER A 262 18.91 1.95 -8.54
CA SER A 262 20.24 1.40 -8.27
C SER A 262 20.23 0.38 -7.11
N ASN A 263 21.24 -0.46 -7.00
CA ASN A 263 21.42 -1.55 -6.09
C ASN A 263 20.26 -2.53 -6.15
N ILE A 264 19.76 -2.76 -7.36
CA ILE A 264 18.81 -3.84 -7.59
C ILE A 264 19.58 -5.09 -7.93
N PRO A 265 19.52 -6.16 -7.14
CA PRO A 265 20.25 -7.38 -7.51
C PRO A 265 19.73 -7.99 -8.81
N PHE A 266 20.62 -8.58 -9.55
CA PHE A 266 20.22 -9.28 -10.75
C PHE A 266 19.14 -10.29 -10.37
N GLY A 267 18.10 -10.33 -11.19
CA GLY A 267 16.94 -11.15 -11.02
C GLY A 267 15.78 -10.53 -10.29
N THR A 268 15.97 -9.35 -9.74
CA THR A 268 14.86 -8.61 -9.18
C THR A 268 14.41 -7.54 -10.15
N VAL A 269 13.11 -7.30 -10.30
CA VAL A 269 12.61 -6.27 -11.21
C VAL A 269 13.19 -4.92 -10.87
N ASN A 270 13.44 -4.14 -11.91
CA ASN A 270 13.84 -2.72 -11.80
C ASN A 270 12.70 -1.89 -12.33
N LEU A 271 11.65 -1.82 -11.47
CA LEU A 271 10.37 -1.25 -11.84
C LEU A 271 9.88 -0.38 -10.68
N LEU A 272 9.55 0.88 -10.97
CA LEU A 272 9.15 1.86 -9.98
C LEU A 272 7.75 2.37 -10.34
N ALA A 273 6.81 2.26 -9.41
CA ALA A 273 5.43 2.62 -9.63
C ALA A 273 5.31 4.03 -10.19
N TYR A 274 4.48 4.17 -11.19
CA TYR A 274 4.33 5.41 -11.94
C TYR A 274 2.92 5.55 -12.49
N ASN A 275 2.32 6.75 -12.28
CA ASN A 275 0.93 6.89 -12.69
C ASN A 275 0.76 7.28 -14.13
N ASN A 276 1.78 7.59 -14.90
CA ASN A 276 1.71 7.99 -16.30
C ASN A 276 0.64 9.04 -16.57
N TYR A 277 0.50 9.97 -15.64
CA TYR A 277 -0.55 10.97 -15.79
C TYR A 277 -0.14 11.98 -16.85
N GLN A 278 -1.08 12.27 -17.73
CA GLN A 278 -0.96 13.19 -18.87
C GLN A 278 -2.12 14.17 -18.82
N ALA A 279 -1.82 15.36 -18.32
CA ALA A 279 -2.83 16.41 -18.18
C ALA A 279 -3.50 16.58 -19.53
#